data_3HA5
#
_entry.id   3HA5
#
_cell.length_a   56.782
_cell.length_b   56.782
_cell.length_c   202.785
_cell.angle_alpha   90.00
_cell.angle_beta   90.00
_cell.angle_gamma   120.00
#
_symmetry.space_group_name_H-M   'P 31 2 1'
#
loop_
_entity.id
_entity.type
_entity.pdbx_description
1 polymer 'METHOXY MYCOLIC ACID SYNTHASE 4'
2 non-polymer SINEFUNGIN
3 water water
#
_entity_poly.entity_id   1
_entity_poly.type   'polypeptide(L)'
_entity_poly.pdbx_seq_one_letter_code
;MGSSHYHHHHSSGLVPRGSHMAEKPISPTKTRTRFEDIQAHYDVSDDFFALFQDPTRTYSCAYFEPPELTLEEAQYAKVD
LNLDKLDLKPGMTLLDIGCGWGTTMRRAVERFDVNVIGLTLSKNQHARCEQVLASIDTNRSRQVLLQGWEDFAEPVDRIV
SIEAFEHFGHENYDDFFKRCFNIMPADGRMTVQSSVSYHPYEMAARGKKLSFETARFIKFIVTEIFPGGRLPSTEMMVEH
GEKAGFTVPEPLSLRPHYIKTLRIWGDTLQSNKDKAIEVTSEEVYNRYMKYLRGCEHYFTDEMLDCSLVTYLKPGAAA
;
_entity_poly.pdbx_strand_id   A
#
loop_
_chem_comp.id
_chem_comp.type
_chem_comp.name
_chem_comp.formula
SFG non-polymer SINEFUNGIN 'C15 H23 N7 O5'
#
# COMPACT_ATOMS: atom_id res chain seq x y z
N ILE A 38 -16.33 16.03 -7.63
CA ILE A 38 -15.15 15.93 -8.55
C ILE A 38 -14.16 14.83 -8.12
N GLN A 39 -13.99 14.67 -6.81
CA GLN A 39 -13.18 13.59 -6.26
C GLN A 39 -13.99 12.29 -6.30
N ALA A 40 -15.31 12.43 -6.23
CA ALA A 40 -16.28 11.32 -6.30
C ALA A 40 -16.47 10.78 -7.73
N HIS A 41 -15.96 11.51 -8.71
CA HIS A 41 -16.10 11.12 -10.11
C HIS A 41 -15.20 9.94 -10.46
N TYR A 42 -14.01 9.92 -9.85
CA TYR A 42 -13.02 8.89 -10.12
C TYR A 42 -13.13 7.72 -9.14
N ASP A 43 -14.25 7.70 -8.41
CA ASP A 43 -14.67 6.55 -7.60
C ASP A 43 -15.27 5.48 -8.51
N VAL A 44 -14.87 4.23 -8.30
CA VAL A 44 -15.40 3.09 -9.06
C VAL A 44 -15.84 1.95 -8.12
N SER A 45 -16.78 1.12 -8.58
CA SER A 45 -17.39 0.08 -7.74
C SER A 45 -16.45 -1.08 -7.47
N ASP A 46 -16.61 -1.70 -6.30
CA ASP A 46 -15.81 -2.86 -5.90
C ASP A 46 -15.81 -4.01 -6.94
N ASP A 47 -16.89 -4.13 -7.70
CA ASP A 47 -17.05 -5.22 -8.66
C ASP A 47 -16.14 -5.09 -9.88
N PHE A 48 -15.68 -3.86 -10.15
CA PHE A 48 -14.69 -3.62 -11.22
C PHE A 48 -13.34 -4.18 -10.80
N PHE A 49 -12.90 -3.81 -9.60
CA PHE A 49 -11.62 -4.30 -9.08
C PHE A 49 -11.58 -5.82 -8.96
N ALA A 50 -12.72 -6.42 -8.62
CA ALA A 50 -12.86 -7.89 -8.56
C ALA A 50 -12.57 -8.57 -9.89
N LEU A 51 -12.57 -7.79 -10.96
CA LEU A 51 -12.30 -8.32 -12.28
C LEU A 51 -10.82 -8.39 -12.66
N PHE A 52 -9.96 -7.81 -11.83
CA PHE A 52 -8.52 -7.99 -12.04
C PHE A 52 -7.70 -8.47 -10.83
N GLN A 53 -8.21 -8.24 -9.62
CA GLN A 53 -7.49 -8.62 -8.40
C GLN A 53 -7.67 -10.09 -8.09
N ASP A 54 -6.80 -10.64 -7.25
CA ASP A 54 -6.95 -11.97 -6.69
C ASP A 54 -8.09 -12.06 -5.62
N PRO A 55 -8.41 -13.29 -5.15
CA PRO A 55 -9.45 -13.49 -4.14
C PRO A 55 -9.30 -12.71 -2.83
N THR A 56 -8.05 -12.45 -2.38
CA THR A 56 -7.77 -11.61 -1.20
C THR A 56 -8.12 -10.13 -1.34
N ARG A 57 -8.34 -9.68 -2.57
CA ARG A 57 -8.67 -8.27 -2.88
C ARG A 57 -7.51 -7.31 -2.54
N THR A 58 -6.27 -7.81 -2.57
CA THR A 58 -5.12 -6.98 -2.25
C THR A 58 -4.84 -6.06 -3.44
N TYR A 59 -4.65 -4.79 -3.14
CA TYR A 59 -4.59 -3.74 -4.14
C TYR A 59 -3.23 -3.04 -3.94
N SER A 60 -2.17 -3.85 -4.08
CA SER A 60 -0.81 -3.39 -3.83
C SER A 60 0.13 -4.43 -4.40
N CYS A 61 1.39 -4.08 -4.53
CA CYS A 61 2.42 -4.98 -5.06
C CYS A 61 2.54 -6.32 -4.31
N ALA A 62 2.39 -7.43 -5.05
CA ALA A 62 2.66 -8.77 -4.53
C ALA A 62 4.15 -9.08 -4.40
N TYR A 63 4.48 -10.25 -3.85
CA TYR A 63 5.88 -10.61 -3.68
C TYR A 63 6.09 -12.00 -4.18
N PHE A 64 6.63 -12.13 -5.40
CA PHE A 64 6.86 -13.45 -6.03
C PHE A 64 8.21 -14.06 -5.57
N GLU A 65 8.20 -14.56 -4.33
CA GLU A 65 9.31 -15.29 -3.76
C GLU A 65 8.74 -16.53 -3.12
N PRO A 66 9.01 -17.71 -3.73
CA PRO A 66 9.77 -17.97 -4.97
C PRO A 66 8.99 -17.50 -6.17
N PRO A 67 9.65 -17.34 -7.34
CA PRO A 67 8.95 -16.76 -8.50
C PRO A 67 7.67 -17.46 -9.01
N GLU A 68 7.50 -18.73 -8.66
CA GLU A 68 6.41 -19.58 -9.18
C GLU A 68 5.07 -19.40 -8.45
N LEU A 69 5.07 -18.65 -7.36
CA LEU A 69 3.83 -18.35 -6.62
C LEU A 69 2.81 -17.74 -7.55
N THR A 70 1.55 -18.07 -7.31
CA THR A 70 0.42 -17.43 -7.97
C THR A 70 0.28 -16.01 -7.35
N LEU A 71 -0.43 -15.14 -8.05
CA LEU A 71 -0.73 -13.81 -7.56
C LEU A 71 -1.24 -13.87 -6.10
N GLU A 72 -2.29 -14.66 -5.87
CA GLU A 72 -2.83 -14.83 -4.53
C GLU A 72 -1.75 -15.25 -3.53
N GLU A 73 -0.91 -16.20 -3.90
CA GLU A 73 0.15 -16.66 -2.99
C GLU A 73 1.14 -15.55 -2.70
N ALA A 74 1.48 -14.81 -3.76
CA ALA A 74 2.43 -13.76 -3.71
C ALA A 74 1.88 -12.55 -2.89
N GLN A 75 0.55 -12.36 -2.88
CA GLN A 75 -0.08 -11.38 -2.02
C GLN A 75 0.12 -11.71 -0.54
N TYR A 76 -0.06 -12.99 -0.17
CA TYR A 76 0.27 -13.45 1.17
C TYR A 76 1.77 -13.36 1.51
N ALA A 77 2.63 -13.73 0.55
CA ALA A 77 4.07 -13.58 0.76
C ALA A 77 4.45 -12.09 1.02
N LYS A 78 3.72 -11.17 0.38
CA LYS A 78 3.94 -9.76 0.59
C LYS A 78 3.48 -9.33 1.98
N VAL A 79 2.30 -9.81 2.36
CA VAL A 79 1.84 -9.57 3.73
C VAL A 79 2.89 -10.05 4.72
N ASP A 80 3.34 -11.32 4.62
CA ASP A 80 4.38 -11.87 5.51
C ASP A 80 5.69 -11.07 5.49
N LEU A 81 6.13 -10.73 4.29
CA LEU A 81 7.31 -9.92 4.12
C LEU A 81 7.24 -8.64 4.96
N ASN A 82 6.09 -7.99 4.98
CA ASN A 82 5.91 -6.78 5.80
C ASN A 82 5.89 -7.12 7.30
N LEU A 83 5.04 -8.07 7.68
CA LEU A 83 4.81 -8.40 9.08
C LEU A 83 6.05 -9.00 9.75
N ASP A 84 6.83 -9.77 9.00
CA ASP A 84 8.03 -10.41 9.54
C ASP A 84 9.10 -9.38 10.00
N LYS A 85 9.02 -8.17 9.47
CA LYS A 85 9.98 -7.11 9.80
C LYS A 85 9.62 -6.36 11.06
N LEU A 86 8.44 -6.64 11.61
CA LEU A 86 7.86 -5.81 12.67
C LEU A 86 8.09 -6.29 14.14
N ASP A 87 8.74 -7.43 14.33
CA ASP A 87 9.04 -7.90 15.66
C ASP A 87 7.74 -8.00 16.49
N LEU A 88 6.75 -8.65 15.92
CA LEU A 88 5.47 -8.86 16.59
C LEU A 88 5.53 -10.06 17.53
N LYS A 89 5.11 -9.83 18.77
CA LYS A 89 5.08 -10.85 19.82
C LYS A 89 3.62 -11.04 20.23
N PRO A 90 3.25 -12.26 20.70
CA PRO A 90 1.82 -12.46 21.07
C PRO A 90 1.29 -11.43 22.05
N GLY A 91 0.09 -10.94 21.83
CA GLY A 91 -0.50 -9.98 22.78
C GLY A 91 -0.24 -8.51 22.47
N MET A 92 0.68 -8.25 21.50
CA MET A 92 0.84 -6.89 20.94
C MET A 92 -0.40 -6.44 20.20
N THR A 93 -0.50 -5.12 20.02
CA THR A 93 -1.51 -4.55 19.15
C THR A 93 -0.86 -4.00 17.89
N LEU A 94 -1.27 -4.53 16.75
CA LEU A 94 -0.81 -4.04 15.47
C LEU A 94 -1.87 -3.13 14.87
N LEU A 95 -1.41 -1.99 14.34
CA LEU A 95 -2.22 -1.04 13.57
C LEU A 95 -1.98 -1.15 12.08
N ASP A 96 -3.04 -1.34 11.32
CA ASP A 96 -2.91 -1.36 9.87
C ASP A 96 -3.49 -0.06 9.38
N ILE A 97 -2.64 0.86 8.91
CA ILE A 97 -3.10 2.10 8.28
C ILE A 97 -3.43 1.97 6.78
N GLY A 98 -4.71 1.96 6.47
CA GLY A 98 -5.22 1.72 5.10
C GLY A 98 -5.46 0.25 4.93
N CYS A 99 -6.40 -0.33 5.67
CA CYS A 99 -6.33 -1.79 5.86
C CYS A 99 -7.01 -2.62 4.74
N GLY A 100 -7.53 -1.91 3.74
CA GLY A 100 -8.29 -2.45 2.62
C GLY A 100 -9.42 -3.38 3.05
N TRP A 101 -9.38 -4.60 2.53
CA TRP A 101 -10.36 -5.65 2.79
C TRP A 101 -9.99 -6.62 3.91
N GLY A 102 -8.91 -6.33 4.65
CA GLY A 102 -8.70 -7.02 5.91
C GLY A 102 -7.75 -8.19 5.92
N THR A 103 -7.12 -8.48 4.79
CA THR A 103 -6.26 -9.65 4.69
C THR A 103 -5.04 -9.58 5.56
N THR A 104 -4.37 -8.41 5.53
CA THR A 104 -3.20 -8.18 6.38
C THR A 104 -3.56 -8.35 7.83
N MET A 105 -4.62 -7.70 8.32
CA MET A 105 -5.00 -7.88 9.73
C MET A 105 -5.24 -9.34 10.12
N ARG A 106 -6.01 -10.06 9.30
CA ARG A 106 -6.36 -11.45 9.62
C ARG A 106 -5.12 -12.33 9.66
N ARG A 107 -4.26 -12.17 8.65
CA ARG A 107 -3.00 -12.89 8.62
C ARG A 107 -2.12 -12.62 9.85
N ALA A 108 -2.15 -11.38 10.34
CA ALA A 108 -1.41 -11.05 11.57
C ALA A 108 -2.01 -11.71 12.81
N VAL A 109 -3.32 -11.63 12.97
CA VAL A 109 -3.91 -12.34 14.08
C VAL A 109 -3.49 -13.81 14.07
N GLU A 110 -3.65 -14.43 12.89
CA GLU A 110 -3.43 -15.88 12.70
C GLU A 110 -1.97 -16.30 12.91
N ARG A 111 -1.04 -15.55 12.35
CA ARG A 111 0.36 -15.91 12.47
C ARG A 111 1.00 -15.49 13.78
N PHE A 112 0.54 -14.37 14.32
CA PHE A 112 1.33 -13.71 15.37
C PHE A 112 0.62 -13.61 16.69
N ASP A 113 -0.69 -13.90 16.66
CA ASP A 113 -1.55 -13.95 17.85
C ASP A 113 -1.45 -12.58 18.52
N VAL A 114 -1.73 -11.55 17.69
CA VAL A 114 -1.76 -10.15 18.09
C VAL A 114 -3.18 -9.62 18.04
N ASN A 115 -3.48 -8.60 18.87
CA ASN A 115 -4.65 -7.75 18.64
C ASN A 115 -4.44 -6.88 17.39
N VAL A 116 -5.51 -6.44 16.74
CA VAL A 116 -5.36 -5.60 15.56
C VAL A 116 -6.36 -4.48 15.50
N ILE A 117 -6.00 -3.43 14.78
CA ILE A 117 -6.87 -2.28 14.58
C ILE A 117 -6.52 -1.84 13.20
N GLY A 118 -7.55 -1.57 12.42
CA GLY A 118 -7.36 -1.20 11.03
C GLY A 118 -8.10 0.05 10.78
N LEU A 119 -7.56 0.88 9.89
CA LEU A 119 -8.13 2.18 9.53
C LEU A 119 -8.37 2.16 8.07
N THR A 120 -9.57 2.55 7.69
CA THR A 120 -9.94 2.61 6.31
C THR A 120 -10.87 3.78 6.05
N LEU A 121 -10.86 4.25 4.83
CA LEU A 121 -11.70 5.37 4.45
C LEU A 121 -12.98 4.88 3.72
N SER A 122 -13.07 3.59 3.38
CA SER A 122 -14.24 3.01 2.68
C SER A 122 -15.23 2.28 3.59
N LYS A 123 -16.52 2.63 3.48
CA LYS A 123 -17.55 1.99 4.32
C LYS A 123 -17.68 0.51 3.97
N ASN A 124 -17.52 0.21 2.69
CA ASN A 124 -17.62 -1.17 2.22
C ASN A 124 -16.48 -2.04 2.77
N GLN A 125 -15.25 -1.51 2.69
CA GLN A 125 -14.12 -2.14 3.36
C GLN A 125 -14.37 -2.27 4.85
N HIS A 126 -14.93 -1.22 5.46
CA HIS A 126 -15.23 -1.28 6.87
C HIS A 126 -16.15 -2.45 7.20
N ALA A 127 -17.28 -2.56 6.49
CA ALA A 127 -18.25 -3.63 6.73
C ALA A 127 -17.65 -5.01 6.47
N ARG A 128 -16.99 -5.22 5.32
CA ARG A 128 -16.30 -6.52 5.07
C ARG A 128 -15.23 -6.90 6.14
N CYS A 129 -14.36 -5.93 6.47
CA CYS A 129 -13.34 -6.12 7.51
C CYS A 129 -13.97 -6.60 8.82
N GLU A 130 -15.07 -5.98 9.20
CA GLU A 130 -15.75 -6.40 10.42
C GLU A 130 -16.02 -7.93 10.36
N GLN A 131 -16.53 -8.38 9.21
CA GLN A 131 -16.92 -9.80 9.04
C GLN A 131 -15.72 -10.72 9.08
N VAL A 132 -14.66 -10.31 8.36
CA VAL A 132 -13.41 -11.02 8.30
C VAL A 132 -12.87 -11.15 9.70
N LEU A 133 -12.95 -10.06 10.49
CA LEU A 133 -12.30 -10.05 11.78
C LEU A 133 -13.09 -10.87 12.78
N ALA A 134 -14.41 -10.68 12.76
CA ALA A 134 -15.29 -11.37 13.74
C ALA A 134 -15.23 -12.90 13.62
N SER A 135 -14.87 -13.39 12.44
CA SER A 135 -14.95 -14.85 12.12
C SER A 135 -13.68 -15.63 12.53
N ILE A 136 -12.67 -14.88 12.89
CA ILE A 136 -11.42 -15.45 13.37
C ILE A 136 -11.61 -16.10 14.74
N ASP A 137 -11.10 -17.30 14.87
CA ASP A 137 -11.15 -18.07 16.09
C ASP A 137 -9.99 -17.60 16.94
N THR A 138 -10.25 -16.59 17.80
CA THR A 138 -9.22 -15.99 18.63
C THR A 138 -9.90 -15.29 19.79
N ASN A 139 -9.19 -15.23 20.90
CA ASN A 139 -9.48 -14.34 22.00
C ASN A 139 -8.89 -12.93 21.85
N ARG A 140 -8.10 -12.69 20.80
CA ARG A 140 -7.48 -11.38 20.63
C ARG A 140 -8.52 -10.37 20.17
N SER A 141 -8.28 -9.13 20.56
CA SER A 141 -9.12 -8.00 20.22
C SER A 141 -8.96 -7.62 18.72
N ARG A 142 -10.02 -7.18 18.06
CA ARG A 142 -9.96 -6.88 16.62
C ARG A 142 -10.90 -5.76 16.39
N GLN A 143 -10.46 -4.74 15.65
CA GLN A 143 -11.22 -3.52 15.54
C GLN A 143 -10.88 -2.91 14.20
N VAL A 144 -11.90 -2.47 13.48
CA VAL A 144 -11.71 -1.71 12.25
C VAL A 144 -12.44 -0.39 12.44
N LEU A 145 -11.81 0.68 12.01
CA LEU A 145 -12.37 2.02 12.22
C LEU A 145 -12.45 2.71 10.89
N LEU A 146 -13.56 3.37 10.65
CA LEU A 146 -13.73 4.18 9.45
C LEU A 146 -13.22 5.57 9.75
N GLN A 147 -11.92 5.77 9.51
CA GLN A 147 -11.26 7.07 9.84
C GLN A 147 -9.84 7.01 9.30
N GLY A 148 -9.22 8.17 9.20
CA GLY A 148 -7.84 8.32 8.79
C GLY A 148 -6.89 8.24 9.98
N TRP A 149 -5.60 8.10 9.66
CA TRP A 149 -4.56 8.12 10.67
C TRP A 149 -4.57 9.46 11.42
N GLU A 150 -5.00 10.50 10.71
CA GLU A 150 -5.09 11.86 11.25
C GLU A 150 -5.86 11.92 12.55
N ASP A 151 -6.95 11.15 12.63
CA ASP A 151 -7.86 11.17 13.77
C ASP A 151 -7.62 9.95 14.65
N PHE A 152 -6.58 9.19 14.32
CA PHE A 152 -6.25 8.11 15.18
C PHE A 152 -5.10 8.44 16.15
N ALA A 153 -5.33 8.26 17.45
CA ALA A 153 -4.30 8.57 18.42
C ALA A 153 -4.39 7.62 19.61
N GLU A 154 -4.41 6.32 19.36
CA GLU A 154 -4.45 5.41 20.48
C GLU A 154 -3.13 4.64 20.45
N PRO A 155 -2.63 4.21 21.63
CA PRO A 155 -1.41 3.41 21.71
C PRO A 155 -1.47 2.07 20.96
N VAL A 156 -0.44 1.84 20.14
CA VAL A 156 -0.28 0.58 19.43
C VAL A 156 1.18 0.21 19.51
N ASP A 157 1.47 -1.06 19.33
CA ASP A 157 2.80 -1.56 19.43
C ASP A 157 3.57 -1.44 18.14
N ARG A 158 2.89 -1.64 17.02
CA ARG A 158 3.49 -1.75 15.70
C ARG A 158 2.51 -1.23 14.68
N ILE A 159 3.04 -0.83 13.52
CA ILE A 159 2.26 -0.24 12.44
C ILE A 159 2.66 -0.86 11.11
N VAL A 160 1.67 -1.30 10.35
CA VAL A 160 1.90 -1.64 8.96
C VAL A 160 1.10 -0.67 8.07
N SER A 161 1.70 -0.18 6.98
CA SER A 161 0.95 0.60 6.03
C SER A 161 1.38 0.25 4.59
N ILE A 162 0.49 -0.43 3.87
CA ILE A 162 0.90 -0.98 2.60
C ILE A 162 0.17 -0.22 1.54
N GLU A 163 0.88 0.70 0.88
CA GLU A 163 0.36 1.51 -0.21
C GLU A 163 -0.88 2.32 0.09
N ALA A 164 -0.93 2.92 1.27
CA ALA A 164 -1.90 3.99 1.57
C ALA A 164 -1.17 5.33 1.46
N PHE A 165 0.14 5.29 1.57
CA PHE A 165 0.97 6.51 1.71
C PHE A 165 0.87 7.44 0.51
N GLU A 166 0.68 6.88 -0.67
CA GLU A 166 0.51 7.68 -1.91
C GLU A 166 -0.68 8.67 -1.82
N HIS A 167 -1.68 8.36 -1.00
CA HIS A 167 -2.85 9.24 -0.85
C HIS A 167 -2.64 10.45 0.01
N PHE A 168 -1.55 10.49 0.80
CA PHE A 168 -1.50 11.43 1.95
C PHE A 168 -1.16 12.84 1.51
N GLY A 169 -0.31 12.97 0.51
CA GLY A 169 0.16 14.27 0.06
C GLY A 169 1.38 14.70 0.87
N HIS A 170 2.32 15.36 0.19
CA HIS A 170 3.58 15.76 0.80
C HIS A 170 3.42 16.64 2.05
N GLU A 171 2.35 17.40 2.13
CA GLU A 171 2.17 18.39 3.21
C GLU A 171 1.86 17.72 4.55
N ASN A 172 1.36 16.49 4.47
CA ASN A 172 1.07 15.72 5.65
C ASN A 172 2.18 14.77 6.12
N TYR A 173 3.33 14.69 5.44
CA TYR A 173 4.31 13.66 5.82
C TYR A 173 4.84 13.83 7.25
N ASP A 174 5.27 15.05 7.62
CA ASP A 174 5.68 15.33 9.00
C ASP A 174 4.66 14.87 10.06
N ASP A 175 3.41 15.26 9.89
CA ASP A 175 2.35 14.88 10.84
C ASP A 175 2.16 13.36 10.87
N PHE A 176 2.28 12.70 9.71
CA PHE A 176 2.11 11.25 9.67
C PHE A 176 3.20 10.57 10.52
N PHE A 177 4.45 10.86 10.23
CA PHE A 177 5.56 10.23 10.94
C PHE A 177 5.60 10.55 12.46
N LYS A 178 5.31 11.81 12.80
CA LYS A 178 5.22 12.28 14.18
C LYS A 178 4.12 11.46 14.93
N ARG A 179 2.99 11.25 14.27
CA ARG A 179 1.87 10.50 14.89
C ARG A 179 2.30 9.05 15.09
N CYS A 180 2.95 8.47 14.09
CA CYS A 180 3.35 7.07 14.14
C CYS A 180 4.42 6.87 15.22
N PHE A 181 5.34 7.82 15.31
CA PHE A 181 6.37 7.74 16.35
C PHE A 181 5.71 7.83 17.73
N ASN A 182 4.80 8.77 17.89
CA ASN A 182 4.25 9.09 19.22
C ASN A 182 3.34 7.98 19.81
N ILE A 183 2.64 7.23 18.96
CA ILE A 183 1.63 6.27 19.44
C ILE A 183 2.25 4.95 19.82
N MET A 184 3.53 4.74 19.44
CA MET A 184 4.20 3.46 19.63
C MET A 184 5.10 3.45 20.86
N PRO A 185 5.35 2.25 21.46
CA PRO A 185 6.23 2.26 22.67
C PRO A 185 7.69 2.46 22.29
N ALA A 186 8.61 2.27 23.23
CA ALA A 186 10.03 2.50 22.96
C ALA A 186 10.62 1.59 21.90
N ASP A 187 10.16 0.35 21.85
CA ASP A 187 10.69 -0.61 20.88
C ASP A 187 9.86 -0.70 19.59
N GLY A 188 9.05 0.34 19.32
CA GLY A 188 8.11 0.31 18.18
C GLY A 188 8.79 0.20 16.83
N ARG A 189 8.05 -0.35 15.85
CA ARG A 189 8.47 -0.44 14.44
C ARG A 189 7.26 -0.27 13.54
N MET A 190 7.55 0.22 12.32
CA MET A 190 6.54 0.43 11.30
C MET A 190 7.17 0.06 9.96
N THR A 191 6.39 -0.55 9.07
CA THR A 191 6.73 -0.58 7.68
C THR A 191 5.72 0.27 6.87
N VAL A 192 6.25 1.00 5.90
CA VAL A 192 5.44 1.66 4.90
C VAL A 192 5.91 1.18 3.55
N GLN A 193 4.98 0.63 2.77
CA GLN A 193 5.23 0.25 1.39
C GLN A 193 4.52 1.25 0.47
N SER A 194 5.22 1.78 -0.51
CA SER A 194 4.68 2.85 -1.34
C SER A 194 5.34 2.83 -2.71
N SER A 195 4.54 3.04 -3.75
CA SER A 195 5.08 3.41 -5.04
C SER A 195 5.79 4.73 -4.87
N VAL A 196 6.93 4.89 -5.54
CA VAL A 196 7.69 6.12 -5.43
C VAL A 196 8.06 6.57 -6.88
N SER A 197 8.33 7.86 -7.03
CA SER A 197 8.90 8.45 -8.22
C SER A 197 10.31 8.96 -7.88
N TYR A 198 10.98 9.51 -8.91
CA TYR A 198 12.26 10.18 -8.73
C TYR A 198 12.10 11.69 -8.91
N HIS A 199 12.88 12.46 -8.16
CA HIS A 199 12.99 13.92 -8.36
C HIS A 199 13.23 14.27 -9.85
N PRO A 200 12.52 15.31 -10.36
CA PRO A 200 12.75 15.83 -11.71
C PRO A 200 14.23 15.89 -12.13
N TYR A 201 15.08 16.34 -11.21
CA TYR A 201 16.53 16.40 -11.45
C TYR A 201 17.13 15.02 -11.74
N GLU A 202 16.73 14.01 -10.99
CA GLU A 202 17.25 12.66 -11.21
C GLU A 202 16.69 12.08 -12.50
N MET A 203 15.40 12.33 -12.75
CA MET A 203 14.77 11.91 -14.00
C MET A 203 15.42 12.54 -15.24
N ALA A 204 15.85 13.81 -15.14
CA ALA A 204 16.53 14.52 -16.24
C ALA A 204 17.74 13.78 -16.80
N ALA A 205 18.54 13.17 -15.92
CA ALA A 205 19.64 12.28 -16.32
C ALA A 205 19.27 11.25 -17.42
N ARG A 206 17.99 10.83 -17.45
CA ARG A 206 17.47 9.92 -18.50
C ARG A 206 17.00 10.63 -19.80
N GLY A 207 17.18 11.95 -19.88
CA GLY A 207 16.78 12.70 -21.06
C GLY A 207 15.45 13.42 -20.88
N LYS A 208 15.29 14.59 -21.51
CA LYS A 208 14.13 15.42 -21.24
C LYS A 208 12.85 14.72 -21.72
N LYS A 209 12.89 14.08 -22.88
CA LYS A 209 11.66 13.50 -23.48
C LYS A 209 10.95 12.58 -22.51
N LEU A 210 11.67 11.55 -22.08
CA LEU A 210 11.14 10.53 -21.20
C LEU A 210 10.78 11.09 -19.82
N SER A 211 11.61 12.01 -19.35
CA SER A 211 11.38 12.70 -18.10
C SER A 211 10.03 13.46 -18.08
N PHE A 212 9.73 14.26 -19.11
CA PHE A 212 8.44 15.00 -19.16
C PHE A 212 7.26 14.08 -19.38
N GLU A 213 7.47 13.01 -20.12
CA GLU A 213 6.45 12.03 -20.42
C GLU A 213 6.07 11.25 -19.12
N THR A 214 7.08 10.94 -18.29
CA THR A 214 6.92 10.23 -17.00
C THR A 214 6.13 11.07 -16.00
N ALA A 215 6.58 12.33 -15.84
CA ALA A 215 5.88 13.34 -15.03
C ALA A 215 4.39 13.49 -15.39
N ARG A 216 4.07 13.45 -16.69
CA ARG A 216 2.68 13.52 -17.13
C ARG A 216 1.97 12.25 -16.73
N PHE A 217 2.65 11.13 -16.83
CA PHE A 217 1.96 9.89 -16.50
C PHE A 217 1.73 9.86 -14.98
N ILE A 218 2.74 10.23 -14.19
CA ILE A 218 2.60 10.36 -12.72
C ILE A 218 1.44 11.28 -12.33
N LYS A 219 1.34 12.43 -13.01
CA LYS A 219 0.23 13.36 -12.81
C LYS A 219 -1.11 12.69 -13.09
N PHE A 220 -1.12 11.81 -14.07
CA PHE A 220 -2.34 11.10 -14.39
C PHE A 220 -2.71 10.13 -13.24
N ILE A 221 -1.73 9.36 -12.77
CA ILE A 221 -1.92 8.43 -11.67
C ILE A 221 -2.57 9.16 -10.49
N VAL A 222 -2.02 10.33 -10.20
CA VAL A 222 -2.35 11.12 -9.04
C VAL A 222 -3.59 12.05 -9.23
N THR A 223 -4.24 11.93 -10.38
CA THR A 223 -5.47 12.67 -10.66
C THR A 223 -6.65 11.71 -10.78
N GLU A 224 -6.40 10.57 -11.42
CA GLU A 224 -7.47 9.69 -11.84
C GLU A 224 -7.42 8.35 -11.14
N ILE A 225 -6.30 8.03 -10.51
CA ILE A 225 -6.20 6.74 -9.84
C ILE A 225 -6.17 6.92 -8.33
N PHE A 226 -5.38 7.88 -7.88
CA PHE A 226 -5.30 8.24 -6.48
C PHE A 226 -5.47 9.73 -6.32
N PRO A 227 -6.69 10.24 -6.58
CA PRO A 227 -7.02 11.66 -6.53
C PRO A 227 -6.53 12.38 -5.28
N GLY A 228 -5.95 13.57 -5.49
CA GLY A 228 -5.34 14.36 -4.42
C GLY A 228 -4.03 13.75 -3.95
N GLY A 229 -3.63 12.65 -4.59
CA GLY A 229 -2.46 11.91 -4.17
C GLY A 229 -1.14 12.54 -4.53
N ARG A 230 -0.06 11.89 -4.14
CA ARG A 230 1.28 12.26 -4.57
C ARG A 230 2.26 11.13 -4.33
N LEU A 231 3.07 10.81 -5.32
CA LEU A 231 4.12 9.80 -5.15
C LEU A 231 5.34 10.43 -4.48
N PRO A 232 5.79 9.85 -3.35
CA PRO A 232 7.01 10.38 -2.72
C PRO A 232 8.16 9.89 -3.57
N SER A 233 9.36 10.37 -3.31
CA SER A 233 10.54 9.64 -3.72
C SER A 233 10.89 8.80 -2.49
N THR A 234 11.81 7.84 -2.64
CA THR A 234 12.26 7.03 -1.53
C THR A 234 13.00 7.90 -0.49
N GLU A 235 13.80 8.83 -1.00
CA GLU A 235 14.49 9.82 -0.19
C GLU A 235 13.52 10.57 0.77
N MET A 236 12.39 11.03 0.26
CA MET A 236 11.37 11.69 1.09
C MET A 236 10.82 10.73 2.16
N MET A 237 10.55 9.48 1.77
CA MET A 237 10.09 8.48 2.74
C MET A 237 11.11 8.27 3.90
N VAL A 238 12.38 8.17 3.53
CA VAL A 238 13.45 7.93 4.47
C VAL A 238 13.65 9.17 5.34
N GLU A 239 13.85 10.31 4.70
CA GLU A 239 14.12 11.54 5.44
C GLU A 239 13.01 12.06 6.37
N HIS A 240 11.75 11.95 5.96
CA HIS A 240 10.71 12.35 6.93
C HIS A 240 10.65 11.43 8.15
N GLY A 241 10.96 10.14 7.94
CA GLY A 241 11.03 9.14 9.03
C GLY A 241 12.19 9.50 9.97
N GLU A 242 13.34 9.81 9.40
CA GLU A 242 14.49 10.24 10.22
C GLU A 242 14.21 11.48 11.05
N LYS A 243 13.56 12.45 10.45
CA LYS A 243 13.25 13.70 11.10
C LYS A 243 12.36 13.47 12.33
N ALA A 244 11.42 12.52 12.22
CA ALA A 244 10.55 12.17 13.31
C ALA A 244 11.29 11.41 14.40
N GLY A 245 12.50 10.97 14.12
CA GLY A 245 13.25 10.26 15.16
C GLY A 245 13.54 8.81 14.88
N PHE A 246 13.01 8.28 13.77
CA PHE A 246 13.17 6.86 13.43
C PHE A 246 14.55 6.56 12.86
N THR A 247 15.02 5.34 13.15
CA THR A 247 16.13 4.71 12.45
C THR A 247 15.59 4.06 11.19
N VAL A 248 16.22 4.32 10.04
CA VAL A 248 15.71 3.79 8.78
C VAL A 248 16.82 3.01 8.05
N PRO A 249 16.74 1.68 8.07
CA PRO A 249 17.65 0.86 7.24
C PRO A 249 17.45 1.10 5.75
N GLU A 250 18.28 0.46 4.93
CA GLU A 250 18.18 0.58 3.48
C GLU A 250 16.87 -0.01 3.01
N PRO A 251 16.07 0.81 2.34
CA PRO A 251 14.79 0.36 1.83
C PRO A 251 14.87 -0.83 0.85
N LEU A 252 13.80 -1.61 0.82
CA LEU A 252 13.73 -2.71 -0.10
C LEU A 252 12.98 -2.26 -1.35
N SER A 253 13.62 -2.46 -2.50
CA SER A 253 12.99 -2.23 -3.78
C SER A 253 12.11 -3.42 -4.17
N LEU A 254 10.86 -3.17 -4.55
CA LEU A 254 9.98 -4.22 -5.04
C LEU A 254 9.67 -4.13 -6.56
N ARG A 255 10.47 -3.35 -7.28
CA ARG A 255 10.22 -3.05 -8.70
C ARG A 255 9.86 -4.29 -9.58
N PRO A 256 10.70 -5.37 -9.60
CA PRO A 256 10.37 -6.51 -10.47
C PRO A 256 9.11 -7.26 -10.02
N HIS A 257 8.85 -7.28 -8.72
CA HIS A 257 7.60 -7.80 -8.21
C HIS A 257 6.39 -6.96 -8.66
N TYR A 258 6.54 -5.64 -8.75
CA TYR A 258 5.40 -4.82 -9.21
C TYR A 258 5.18 -5.02 -10.70
N ILE A 259 6.28 -5.19 -11.44
CA ILE A 259 6.16 -5.56 -12.86
C ILE A 259 5.28 -6.82 -13.04
N LYS A 260 5.67 -7.94 -12.42
CA LYS A 260 4.88 -9.17 -12.50
C LYS A 260 3.44 -8.89 -12.09
N THR A 261 3.24 -8.24 -10.94
CA THR A 261 1.88 -7.92 -10.43
C THR A 261 1.05 -7.19 -11.47
N LEU A 262 1.60 -6.13 -12.05
CA LEU A 262 0.86 -5.26 -12.97
C LEU A 262 0.54 -6.00 -14.26
N ARG A 263 1.41 -6.94 -14.63
CA ARG A 263 1.27 -7.71 -15.86
C ARG A 263 0.06 -8.63 -15.72
N ILE A 264 0.04 -9.41 -14.63
CA ILE A 264 -1.10 -10.28 -14.30
C ILE A 264 -2.40 -9.50 -14.11
N TRP A 265 -2.37 -8.40 -13.34
CA TRP A 265 -3.55 -7.50 -13.22
C TRP A 265 -4.10 -7.04 -14.60
N GLY A 266 -3.22 -6.51 -15.44
CA GLY A 266 -3.58 -6.04 -16.79
C GLY A 266 -4.12 -7.15 -17.68
N ASP A 267 -3.35 -8.22 -17.86
CA ASP A 267 -3.81 -9.37 -18.67
C ASP A 267 -5.21 -9.83 -18.19
N THR A 268 -5.39 -9.90 -16.87
CA THR A 268 -6.68 -10.29 -16.31
C THR A 268 -7.80 -9.27 -16.60
N LEU A 269 -7.56 -7.97 -16.40
CA LEU A 269 -8.59 -6.96 -16.74
C LEU A 269 -9.01 -7.04 -18.23
N GLN A 270 -8.02 -7.20 -19.10
CA GLN A 270 -8.21 -7.21 -20.54
C GLN A 270 -9.07 -8.40 -20.97
N SER A 271 -8.86 -9.53 -20.31
CA SER A 271 -9.61 -10.74 -20.55
C SER A 271 -11.06 -10.58 -20.06
N ASN A 272 -11.25 -9.79 -19.01
CA ASN A 272 -12.60 -9.53 -18.51
C ASN A 272 -13.18 -8.23 -19.05
N LYS A 273 -12.71 -7.80 -20.23
CA LYS A 273 -13.03 -6.47 -20.78
C LYS A 273 -14.52 -6.12 -20.86
N ASP A 274 -15.33 -7.01 -21.45
CA ASP A 274 -16.76 -6.73 -21.66
C ASP A 274 -17.50 -6.69 -20.31
N LYS A 275 -17.17 -7.64 -19.44
CA LYS A 275 -17.70 -7.63 -18.07
C LYS A 275 -17.30 -6.31 -17.36
N ALA A 276 -16.06 -5.87 -17.56
CA ALA A 276 -15.58 -4.59 -17.00
C ALA A 276 -16.42 -3.42 -17.50
N ILE A 277 -16.54 -3.31 -18.82
CA ILE A 277 -17.27 -2.22 -19.44
C ILE A 277 -18.73 -2.20 -18.99
N GLU A 278 -19.35 -3.38 -18.94
CA GLU A 278 -20.76 -3.54 -18.54
C GLU A 278 -21.06 -2.94 -17.17
N VAL A 279 -20.13 -3.14 -16.23
CA VAL A 279 -20.32 -2.75 -14.82
C VAL A 279 -19.89 -1.31 -14.59
N THR A 280 -19.09 -0.77 -15.51
CA THR A 280 -18.60 0.60 -15.40
C THR A 280 -18.84 1.32 -16.73
N SER A 281 -17.78 1.47 -17.54
CA SER A 281 -17.88 1.94 -18.92
C SER A 281 -16.58 1.59 -19.68
N GLU A 282 -16.58 1.85 -20.99
CA GLU A 282 -15.38 1.73 -21.82
C GLU A 282 -14.34 2.74 -21.35
N GLU A 283 -14.83 3.91 -20.94
CA GLU A 283 -14.00 4.92 -20.35
C GLU A 283 -13.20 4.31 -19.19
N VAL A 284 -13.89 3.93 -18.12
CA VAL A 284 -13.24 3.42 -16.91
C VAL A 284 -12.33 2.23 -17.18
N TYR A 285 -12.76 1.32 -18.07
CA TYR A 285 -11.92 0.22 -18.53
C TYR A 285 -10.58 0.73 -19.11
N ASN A 286 -10.68 1.66 -20.07
CA ASN A 286 -9.53 2.27 -20.72
C ASN A 286 -8.59 2.99 -19.71
N ARG A 287 -9.20 3.63 -18.69
CA ARG A 287 -8.45 4.35 -17.67
C ARG A 287 -7.48 3.43 -16.91
N TYR A 288 -8.01 2.29 -16.50
CA TYR A 288 -7.28 1.36 -15.69
C TYR A 288 -6.30 0.55 -16.53
N MET A 289 -6.67 0.22 -17.75
CA MET A 289 -5.67 -0.34 -18.68
C MET A 289 -4.52 0.63 -18.93
N LYS A 290 -4.84 1.91 -19.12
CA LYS A 290 -3.78 2.92 -19.21
C LYS A 290 -2.88 2.83 -17.95
N TYR A 291 -3.50 2.86 -16.77
CA TYR A 291 -2.78 2.82 -15.50
C TYR A 291 -1.89 1.58 -15.39
N LEU A 292 -2.48 0.42 -15.65
CA LEU A 292 -1.79 -0.85 -15.42
C LEU A 292 -0.64 -1.12 -16.41
N ARG A 293 -0.93 -1.02 -17.72
CA ARG A 293 0.09 -1.03 -18.75
C ARG A 293 1.14 0.07 -18.54
N GLY A 294 0.69 1.31 -18.28
CA GLY A 294 1.64 2.42 -18.16
C GLY A 294 2.63 2.19 -17.02
N CYS A 295 2.11 1.87 -15.82
CA CYS A 295 2.96 1.57 -14.67
C CYS A 295 3.94 0.46 -14.95
N GLU A 296 3.47 -0.65 -15.53
CA GLU A 296 4.36 -1.79 -15.90
C GLU A 296 5.49 -1.27 -16.80
N HIS A 297 5.09 -0.44 -17.76
CA HIS A 297 6.02 0.11 -18.71
C HIS A 297 7.05 0.98 -17.98
N TYR A 298 6.57 1.89 -17.13
CA TYR A 298 7.47 2.78 -16.40
C TYR A 298 8.30 2.11 -15.29
N PHE A 299 7.75 1.06 -14.69
CA PHE A 299 8.54 0.19 -13.84
C PHE A 299 9.63 -0.53 -14.65
N THR A 300 9.28 -1.17 -15.77
CA THR A 300 10.27 -1.84 -16.63
C THR A 300 11.39 -0.88 -17.08
N ASP A 301 11.01 0.36 -17.34
CA ASP A 301 11.93 1.41 -17.71
C ASP A 301 12.69 2.03 -16.57
N GLU A 302 12.38 1.58 -15.35
CA GLU A 302 13.03 2.10 -14.16
C GLU A 302 12.78 3.61 -14.02
N MET A 303 11.60 4.09 -14.39
CA MET A 303 11.20 5.48 -14.16
C MET A 303 10.26 5.59 -12.95
N LEU A 304 9.86 4.44 -12.38
CA LEU A 304 9.08 4.38 -11.13
C LEU A 304 9.69 3.29 -10.28
N ASP A 305 9.42 3.29 -8.97
CA ASP A 305 9.88 2.20 -8.09
C ASP A 305 8.80 1.95 -7.05
N CYS A 306 9.02 0.94 -6.20
CA CYS A 306 8.13 0.67 -5.07
C CYS A 306 9.04 0.30 -3.94
N SER A 307 8.90 1.02 -2.84
CA SER A 307 9.83 0.89 -1.72
C SER A 307 9.08 0.38 -0.52
N LEU A 308 9.67 -0.62 0.11
CA LEU A 308 9.25 -1.09 1.39
C LEU A 308 10.28 -0.56 2.41
N VAL A 309 9.88 0.45 3.16
CA VAL A 309 10.74 1.13 4.11
C VAL A 309 10.33 0.75 5.53
N THR A 310 11.34 0.43 6.34
CA THR A 310 11.22 0.05 7.74
C THR A 310 11.65 1.23 8.63
N TYR A 311 10.88 1.47 9.69
CA TYR A 311 11.12 2.56 10.59
C TYR A 311 11.24 2.00 12.01
N LEU A 312 12.42 2.16 12.60
CA LEU A 312 12.71 1.63 13.92
C LEU A 312 12.86 2.75 14.93
N LYS A 313 12.05 2.66 15.97
CA LYS A 313 12.22 3.61 17.09
C LYS A 313 13.59 3.33 17.80
N PRO A 314 14.15 4.32 18.51
CA PRO A 314 15.48 4.13 19.16
C PRO A 314 15.62 2.83 19.97
N GLY A 315 14.58 2.45 20.72
CA GLY A 315 14.60 1.25 21.56
C GLY A 315 14.19 -0.05 20.86
N ALA A 316 14.03 -0.04 19.53
CA ALA A 316 13.65 -1.28 18.81
C ALA A 316 14.67 -2.39 19.05
N ALA A 317 14.18 -3.64 19.10
CA ALA A 317 15.06 -4.81 19.22
C ALA A 317 16.05 -4.87 18.03
N ALA A 318 17.19 -5.52 18.27
CA ALA A 318 18.27 -5.70 17.27
C ALA A 318 17.84 -6.37 15.95
N SFG B . -3.26 -2.16 2.53
CA SFG B . -4.24 -2.45 1.46
C SFG B . -3.74 -3.41 0.39
O SFG B . -2.54 -3.70 0.23
OXT SFG B . -4.58 -3.99 -0.34
CB SFG B . -4.91 -1.20 0.84
CG SFG B . -3.96 -0.33 0.04
CD SFG B . -4.72 0.77 -0.70
NE SFG B . -3.87 1.21 -1.80
C5' SFG B . -5.01 2.11 0.02
C4' SFG B . -5.86 2.04 1.28
O4' SFG B . -5.46 3.19 2.06
C3' SFG B . -7.39 2.11 1.16
O3' SFG B . -7.92 1.27 2.26
C2' SFG B . -7.68 3.58 1.48
O2' SFG B . -8.96 3.76 2.12
C1' SFG B . -6.62 3.84 2.55
N9 SFG B . -6.33 5.24 2.90
C8 SFG B . -6.14 6.28 2.07
N7 SFG B . -5.89 7.39 2.80
C5 SFG B . -5.93 7.07 4.12
C6 SFG B . -5.76 7.77 5.44
N6 SFG B . -5.49 9.08 5.53
N1 SFG B . -5.85 7.04 6.56
C2 SFG B . -6.14 5.72 6.53
N3 SFG B . -6.31 5.03 5.37
C4 SFG B . -6.23 5.65 4.16
#